data_5RYM
#
_entry.id   5RYM
#
_cell.length_a   38.630
_cell.length_b   77.060
_cell.length_c   99.450
_cell.angle_alpha   90.000
_cell.angle_beta   90.000
_cell.angle_gamma   90.000
#
_symmetry.space_group_name_H-M   'P 21 21 21'
#
loop_
_entity.id
_entity.type
_entity.pdbx_description
1 polymer 'Isoform 2 of Band 4.1-like protein 3'
2 non-polymer 'ethyl 1-pyrazin-2-ylpiperidine-4-carboxylate'
3 non-polymer 'DIMETHYL SULFOXIDE'
4 non-polymer 1,2-ETHANEDIOL
5 water water
#
_entity_poly.entity_id   1
_entity_poly.type   'polypeptide(L)'
_entity_poly.pdbx_seq_one_letter_code
;SMPKSMQCKVILLDGSEYTCDVEKRSRGQVLFDKVCEHLNLLEKDYFGLTYRDAENQKNWLDPAKEIKKQVRSGAWHFSF
NVKFYPPDPAQLSEDITRYYLCLQLRDDIVSGRLPCSFVTLALLGSYTVQSELGDYDPDECGSDYISEFRFAPNHTKELE
DKVIELHKSHRGMTPAEAEMHFLENAKKLSMYGVDLHHAKDSEGVEIMLGVCASGLLIYRDRLRINRFAWPKVLKISYKR
NNFYIKIRPGEFEQFESTIGFKLPNHRAAKRLWKVCVEHHTFFRLL
;
_entity_poly.pdbx_strand_id   A
#
loop_
_chem_comp.id
_chem_comp.type
_chem_comp.name
_chem_comp.formula
DMS non-polymer 'DIMETHYL SULFOXIDE' 'C2 H6 O S'
EDO non-polymer 1,2-ETHANEDIOL 'C2 H6 O2'
HGE non-polymer 'ethyl 1-pyrazin-2-ylpiperidine-4-carboxylate' 'C12 H17 N3 O2'
#
# COMPACT_ATOMS: atom_id res chain seq x y z
N PRO A 3 9.51 -34.46 7.00
CA PRO A 3 9.00 -33.29 6.26
C PRO A 3 9.91 -32.06 6.48
N LYS A 4 10.59 -31.61 5.44
CA LYS A 4 11.63 -30.56 5.61
C LYS A 4 10.99 -29.19 5.63
N SER A 5 11.35 -28.37 6.61
N SER A 5 11.31 -28.42 6.66
CA SER A 5 10.73 -27.04 6.85
CA SER A 5 10.79 -27.04 6.90
C SER A 5 11.78 -25.93 6.69
C SER A 5 11.82 -26.02 6.39
N MET A 6 11.36 -24.81 6.11
CA MET A 6 12.22 -23.64 5.82
C MET A 6 11.83 -22.56 6.82
N GLN A 7 12.81 -21.87 7.34
CA GLN A 7 12.59 -20.75 8.26
C GLN A 7 12.16 -19.52 7.44
N CYS A 8 11.10 -18.85 7.85
CA CYS A 8 10.59 -17.63 7.20
C CYS A 8 10.72 -16.47 8.16
N LYS A 9 11.21 -15.32 7.69
CA LYS A 9 11.29 -14.10 8.48
C LYS A 9 10.38 -13.06 7.80
N VAL A 10 9.46 -12.50 8.57
CA VAL A 10 8.48 -11.52 8.05
C VAL A 10 8.65 -10.23 8.82
N ILE A 11 8.89 -9.14 8.11
CA ILE A 11 8.87 -7.79 8.71
C ILE A 11 7.42 -7.33 8.82
N LEU A 12 6.98 -7.10 10.06
CA LEU A 12 5.60 -6.65 10.36
C LEU A 12 5.52 -5.13 10.30
N LEU A 13 4.30 -4.62 10.26
CA LEU A 13 4.10 -3.18 9.97
C LEU A 13 4.55 -2.33 11.13
N ASP A 14 4.70 -2.90 12.34
CA ASP A 14 5.29 -2.14 13.49
C ASP A 14 6.82 -2.17 13.44
N GLY A 15 7.42 -2.75 12.38
CA GLY A 15 8.88 -2.83 12.21
C GLY A 15 9.50 -4.05 12.90
N SER A 16 8.71 -4.83 13.62
CA SER A 16 9.19 -6.06 14.30
C SER A 16 9.27 -7.21 13.29
N GLU A 17 10.00 -8.26 13.66
CA GLU A 17 10.29 -9.48 12.84
C GLU A 17 9.57 -10.69 13.42
N TYR A 18 8.67 -11.31 12.66
CA TYR A 18 8.03 -12.59 13.02
C TYR A 18 8.80 -13.68 12.28
N THR A 19 9.22 -14.72 13.01
CA THR A 19 9.90 -15.91 12.46
C THR A 19 8.99 -17.11 12.62
N CYS A 20 8.84 -17.92 11.59
CA CYS A 20 8.13 -19.20 11.66
C CYS A 20 8.71 -20.15 10.64
N ASP A 21 8.23 -21.39 10.66
CA ASP A 21 8.70 -22.42 9.72
C ASP A 21 7.50 -22.92 8.94
N VAL A 22 7.71 -23.22 7.67
CA VAL A 22 6.72 -23.93 6.84
C VAL A 22 7.44 -25.03 6.08
N GLU A 23 6.71 -26.08 5.71
CA GLU A 23 7.24 -27.15 4.85
C GLU A 23 7.75 -26.50 3.57
N LYS A 24 8.87 -26.99 3.03
CA LYS A 24 9.61 -26.24 1.97
C LYS A 24 8.78 -26.17 0.66
N ARG A 25 7.82 -27.08 0.44
CA ARG A 25 6.95 -27.04 -0.76
C ARG A 25 5.65 -26.26 -0.46
N SER A 26 5.58 -25.56 0.65
CA SER A 26 4.37 -24.76 1.02
C SER A 26 4.03 -23.70 -0.03
N ARG A 27 2.73 -23.49 -0.23
CA ARG A 27 2.12 -22.38 -0.98
C ARG A 27 2.13 -21.12 -0.10
N GLY A 28 2.12 -19.95 -0.73
CA GLY A 28 2.22 -18.68 0.02
C GLY A 28 1.11 -18.56 1.05
N GLN A 29 -0.10 -19.08 0.74
CA GLN A 29 -1.23 -18.96 1.68
C GLN A 29 -0.87 -19.52 3.04
N VAL A 30 -0.07 -20.61 3.09
CA VAL A 30 0.30 -21.26 4.38
C VAL A 30 0.98 -20.24 5.29
N LEU A 31 2.02 -19.57 4.79
CA LEU A 31 2.79 -18.58 5.56
C LEU A 31 1.91 -17.40 5.92
N PHE A 32 1.15 -16.91 4.97
CA PHE A 32 0.26 -15.75 5.19
C PHE A 32 -0.75 -16.08 6.31
N ASP A 33 -1.33 -17.27 6.29
CA ASP A 33 -2.28 -17.71 7.37
C ASP A 33 -1.55 -17.65 8.72
N LYS A 34 -0.32 -18.17 8.83
CA LYS A 34 0.44 -18.11 10.10
C LYS A 34 0.65 -16.65 10.52
N VAL A 35 1.00 -15.76 9.59
CA VAL A 35 1.29 -14.35 9.99
C VAL A 35 -0.03 -13.70 10.47
N CYS A 36 -1.10 -13.88 9.72
CA CYS A 36 -2.39 -13.29 10.09
C CYS A 36 -2.88 -13.82 11.43
N GLU A 37 -2.68 -15.10 11.73
CA GLU A 37 -3.08 -15.62 13.07
C GLU A 37 -2.25 -14.91 14.13
N HIS A 38 -0.94 -14.82 13.92
CA HIS A 38 -0.04 -14.09 14.84
C HIS A 38 -0.57 -12.68 15.06
N LEU A 39 -1.07 -12.03 14.01
CA LEU A 39 -1.51 -10.63 14.09
C LEU A 39 -2.96 -10.54 14.61
N ASN A 40 -3.66 -11.65 14.84
CA ASN A 40 -5.11 -11.65 15.19
C ASN A 40 -5.93 -10.92 14.14
N LEU A 41 -5.58 -11.10 12.88
CA LEU A 41 -6.21 -10.40 11.74
C LEU A 41 -7.16 -11.39 11.05
N LEU A 42 -8.43 -10.99 10.99
CA LEU A 42 -9.52 -11.78 10.36
C LEU A 42 -9.83 -11.26 8.97
N GLU A 43 -9.83 -9.94 8.77
CA GLU A 43 -10.14 -9.33 7.47
C GLU A 43 -8.87 -9.38 6.64
N LYS A 44 -8.48 -10.57 6.24
CA LYS A 44 -7.14 -10.82 5.61
C LYS A 44 -7.10 -10.42 4.12
N ASP A 45 -8.27 -10.28 3.48
CA ASP A 45 -8.39 -10.07 2.01
C ASP A 45 -7.64 -8.82 1.54
N TYR A 46 -7.45 -7.81 2.40
CA TYR A 46 -6.84 -6.52 2.00
C TYR A 46 -5.31 -6.60 2.05
N PHE A 47 -4.75 -7.71 2.56
CA PHE A 47 -3.31 -7.78 2.90
C PHE A 47 -2.61 -8.87 2.08
N GLY A 48 -1.29 -8.85 2.15
CA GLY A 48 -0.45 -9.86 1.50
C GLY A 48 0.97 -9.76 2.02
N LEU A 49 1.80 -10.62 1.48
CA LEU A 49 3.24 -10.63 1.78
C LEU A 49 3.97 -10.24 0.51
N THR A 50 5.05 -9.48 0.70
CA THR A 50 5.93 -9.09 -0.41
C THR A 50 7.28 -9.75 -0.15
N TYR A 51 8.02 -9.95 -1.23
CA TYR A 51 9.43 -10.35 -1.18
C TYR A 51 10.16 -9.55 -2.25
N ARG A 52 11.48 -9.61 -2.20
CA ARG A 52 12.39 -8.91 -3.13
C ARG A 52 12.96 -9.94 -4.09
N ASP A 53 12.87 -9.72 -5.40
CA ASP A 53 13.29 -10.72 -6.41
C ASP A 53 14.78 -10.52 -6.64
N ALA A 54 15.35 -11.29 -7.58
CA ALA A 54 16.80 -11.32 -7.87
C ALA A 54 17.24 -9.95 -8.42
N GLU A 55 16.28 -9.16 -8.92
CA GLU A 55 16.55 -7.77 -9.41
C GLU A 55 16.25 -6.73 -8.31
N ASN A 56 15.96 -7.19 -7.08
CA ASN A 56 15.65 -6.35 -5.88
C ASN A 56 14.31 -5.61 -6.05
N GLN A 57 13.40 -6.12 -6.88
CA GLN A 57 12.05 -5.51 -7.08
C GLN A 57 11.11 -6.13 -6.04
N LYS A 58 10.24 -5.33 -5.44
CA LYS A 58 9.15 -5.81 -4.55
C LYS A 58 8.19 -6.61 -5.40
N ASN A 59 7.87 -7.82 -4.98
CA ASN A 59 6.87 -8.67 -5.63
C ASN A 59 5.85 -9.08 -4.59
N TRP A 60 4.58 -9.21 -4.98
CA TRP A 60 3.57 -9.89 -4.15
C TRP A 60 3.83 -11.40 -4.16
N LEU A 61 3.85 -12.01 -2.98
CA LEU A 61 3.91 -13.47 -2.85
C LEU A 61 2.53 -13.99 -3.28
N ASP A 62 2.47 -14.80 -4.33
CA ASP A 62 1.18 -15.37 -4.81
C ASP A 62 0.77 -16.48 -3.83
N PRO A 63 -0.35 -16.32 -3.12
CA PRO A 63 -0.71 -17.31 -2.10
C PRO A 63 -1.06 -18.67 -2.69
N ALA A 64 -1.36 -18.73 -3.98
CA ALA A 64 -1.76 -20.01 -4.64
C ALA A 64 -0.54 -20.80 -5.15
N LYS A 65 0.67 -20.20 -5.16
CA LYS A 65 1.87 -20.82 -5.77
C LYS A 65 2.88 -21.20 -4.70
N GLU A 66 3.73 -22.17 -5.00
CA GLU A 66 4.79 -22.55 -4.05
C GLU A 66 5.64 -21.30 -3.72
N ILE A 67 6.00 -21.16 -2.46
CA ILE A 67 6.92 -20.08 -2.00
C ILE A 67 8.26 -20.23 -2.73
N LYS A 68 8.78 -21.46 -2.78
CA LYS A 68 10.12 -21.72 -3.35
C LYS A 68 10.15 -21.33 -4.82
N LYS A 69 9.06 -21.47 -5.57
CA LYS A 69 9.06 -21.12 -7.02
C LYS A 69 8.92 -19.62 -7.24
N GLN A 70 8.74 -18.86 -6.16
CA GLN A 70 8.66 -17.39 -6.23
C GLN A 70 9.98 -16.81 -5.72
N VAL A 71 10.43 -17.18 -4.53
CA VAL A 71 11.66 -16.57 -3.94
C VAL A 71 12.87 -17.14 -4.71
N ARG A 72 12.71 -18.34 -5.26
CA ARG A 72 13.68 -19.00 -6.19
C ARG A 72 15.03 -19.03 -5.48
N SER A 73 15.97 -18.19 -5.88
CA SER A 73 17.34 -18.23 -5.37
C SER A 73 17.47 -17.39 -4.10
N GLY A 74 16.49 -16.52 -3.82
CA GLY A 74 16.58 -15.54 -2.72
C GLY A 74 16.24 -16.10 -1.34
N ALA A 75 16.48 -15.29 -0.31
CA ALA A 75 16.21 -15.59 1.11
C ALA A 75 14.70 -15.70 1.28
N TRP A 76 14.26 -16.48 2.28
CA TRP A 76 12.81 -16.55 2.62
C TRP A 76 12.52 -15.43 3.61
N HIS A 77 12.62 -14.22 3.12
CA HIS A 77 12.42 -12.98 3.88
C HIS A 77 11.27 -12.24 3.19
N PHE A 78 10.34 -11.76 4.00
CA PHE A 78 9.10 -11.16 3.46
C PHE A 78 8.74 -9.93 4.27
N SER A 79 7.83 -9.12 3.75
CA SER A 79 7.16 -8.06 4.52
C SER A 79 5.66 -8.30 4.50
N PHE A 80 4.97 -7.90 5.55
CA PHE A 80 3.51 -7.93 5.62
C PHE A 80 3.00 -6.55 5.22
N ASN A 81 2.09 -6.46 4.25
CA ASN A 81 1.70 -5.17 3.67
C ASN A 81 0.24 -5.17 3.27
N VAL A 82 -0.30 -3.98 3.21
CA VAL A 82 -1.65 -3.78 2.60
C VAL A 82 -1.46 -3.96 1.10
N LYS A 83 -2.32 -4.78 0.51
CA LYS A 83 -2.31 -5.03 -0.95
C LYS A 83 -3.44 -4.23 -1.60
N PHE A 84 -4.63 -4.28 -1.02
CA PHE A 84 -5.81 -3.55 -1.57
C PHE A 84 -6.26 -2.51 -0.55
N TYR A 85 -6.05 -1.22 -0.85
CA TYR A 85 -6.39 -0.16 0.13
C TYR A 85 -7.88 0.12 0.02
N PRO A 86 -8.67 -0.10 1.08
CA PRO A 86 -10.13 0.10 0.99
C PRO A 86 -10.45 1.58 0.78
N PRO A 87 -11.29 1.93 -0.22
CA PRO A 87 -11.64 3.32 -0.42
C PRO A 87 -12.41 3.90 0.78
N ASP A 88 -13.14 3.07 1.49
CA ASP A 88 -13.88 3.54 2.68
C ASP A 88 -13.55 2.67 3.87
N PRO A 89 -12.45 2.99 4.58
CA PRO A 89 -12.04 2.16 5.70
C PRO A 89 -13.08 2.06 6.83
N ALA A 90 -14.02 3.01 6.93
CA ALA A 90 -15.12 2.91 7.93
C ALA A 90 -15.95 1.64 7.70
N GLN A 91 -15.94 1.09 6.50
CA GLN A 91 -16.79 -0.10 6.18
C GLN A 91 -16.06 -1.37 6.62
N LEU A 92 -14.80 -1.30 7.05
CA LEU A 92 -14.14 -2.54 7.52
C LEU A 92 -14.83 -2.99 8.79
N SER A 93 -14.93 -4.30 9.01
CA SER A 93 -15.70 -4.83 10.15
C SER A 93 -14.93 -4.67 11.47
N GLU A 94 -13.58 -4.63 11.47
CA GLU A 94 -12.84 -4.71 12.74
C GLU A 94 -11.90 -3.54 12.89
N ASP A 95 -11.83 -3.03 14.10
CA ASP A 95 -10.86 -1.99 14.48
C ASP A 95 -9.45 -2.52 14.17
N ILE A 96 -9.15 -3.79 14.44
CA ILE A 96 -7.73 -4.21 14.29
C ILE A 96 -7.32 -4.11 12.83
N THR A 97 -8.25 -4.28 11.90
CA THR A 97 -7.99 -4.15 10.46
C THR A 97 -7.60 -2.70 10.17
N ARG A 98 -8.36 -1.77 10.74
CA ARG A 98 -8.11 -0.32 10.53
C ARG A 98 -6.74 0.02 11.13
N TYR A 99 -6.40 -0.60 12.26
CA TYR A 99 -5.08 -0.42 12.92
C TYR A 99 -3.94 -0.79 11.96
N TYR A 100 -3.94 -1.99 11.41
CA TYR A 100 -2.87 -2.39 10.48
C TYR A 100 -2.88 -1.45 9.27
N LEU A 101 -4.05 -1.00 8.79
CA LEU A 101 -4.07 -0.08 7.64
C LEU A 101 -3.39 1.26 8.02
N CYS A 102 -3.61 1.75 9.24
CA CYS A 102 -2.93 2.96 9.76
C CYS A 102 -1.42 2.71 9.76
N LEU A 103 -0.97 1.56 10.24
CA LEU A 103 0.50 1.33 10.32
C LEU A 103 1.09 1.37 8.91
N GLN A 104 0.42 0.74 7.95
CA GLN A 104 0.90 0.75 6.55
C GLN A 104 0.98 2.19 6.04
N LEU A 105 -0.10 2.95 6.23
CA LEU A 105 -0.17 4.33 5.76
C LEU A 105 0.91 5.17 6.42
N ARG A 106 1.17 4.99 7.70
CA ARG A 106 2.28 5.74 8.36
C ARG A 106 3.59 5.51 7.59
N ASP A 107 3.88 4.29 7.18
CA ASP A 107 5.10 3.98 6.39
C ASP A 107 5.01 4.57 4.98
N ASP A 108 3.85 4.52 4.35
CA ASP A 108 3.61 5.16 3.05
C ASP A 108 3.98 6.64 3.17
N ILE A 109 3.63 7.28 4.29
CA ILE A 109 3.86 8.72 4.43
C ILE A 109 5.35 8.94 4.67
N VAL A 110 5.96 8.26 5.64
CA VAL A 110 7.37 8.53 6.06
C VAL A 110 8.26 8.27 4.83
N SER A 111 7.91 7.25 4.04
CA SER A 111 8.71 6.81 2.89
C SER A 111 8.61 7.83 1.75
N GLY A 112 7.59 8.68 1.76
CA GLY A 112 7.23 9.59 0.66
C GLY A 112 6.44 8.95 -0.47
N ARG A 113 6.00 7.70 -0.36
CA ARG A 113 5.09 7.07 -1.35
C ARG A 113 3.73 7.78 -1.37
N LEU A 114 3.35 8.37 -0.23
CA LEU A 114 2.03 9.05 -0.08
C LEU A 114 2.28 10.51 0.26
N PRO A 115 2.36 11.40 -0.74
CA PRO A 115 2.67 12.79 -0.48
C PRO A 115 1.49 13.39 0.29
N CYS A 116 1.80 14.44 1.06
N CYS A 116 1.84 14.25 1.27
CA CYS A 116 0.90 14.97 2.09
CA CYS A 116 0.90 15.01 2.13
C CYS A 116 1.33 16.40 2.45
C CYS A 116 1.34 16.46 2.25
N SER A 117 0.37 17.34 2.46
CA SER A 117 0.62 18.73 2.90
C SER A 117 1.13 18.73 4.33
N PHE A 118 1.78 19.82 4.69
CA PHE A 118 2.24 20.09 6.06
C PHE A 118 1.10 19.88 7.04
N VAL A 119 -0.06 20.49 6.78
CA VAL A 119 -1.17 20.40 7.75
C VAL A 119 -1.65 18.96 7.88
N THR A 120 -1.78 18.22 6.79
CA THR A 120 -2.28 16.85 6.88
C THR A 120 -1.21 15.96 7.54
N LEU A 121 0.06 16.18 7.27
CA LEU A 121 1.13 15.46 8.01
C LEU A 121 0.94 15.65 9.52
N ALA A 122 0.73 16.89 9.95
CA ALA A 122 0.55 17.19 11.38
C ALA A 122 -0.75 16.59 11.91
N LEU A 123 -1.85 16.65 11.16
CA LEU A 123 -3.12 16.07 11.64
C LEU A 123 -3.01 14.56 11.78
N LEU A 124 -2.49 13.87 10.77
CA LEU A 124 -2.30 12.41 10.83
C LEU A 124 -1.38 12.08 12.01
N GLY A 125 -0.29 12.81 12.15
CA GLY A 125 0.61 12.60 13.28
C GLY A 125 -0.11 12.77 14.61
N SER A 126 -0.92 13.82 14.74
CA SER A 126 -1.66 14.08 16.00
C SER A 126 -2.60 12.91 16.34
N TYR A 127 -3.26 12.31 15.36
CA TYR A 127 -4.17 11.15 15.58
C TYR A 127 -3.32 9.94 16.03
N THR A 128 -2.20 9.70 15.37
CA THR A 128 -1.29 8.59 15.77
C THR A 128 -0.88 8.78 17.24
N VAL A 129 -0.42 9.97 17.60
CA VAL A 129 0.02 10.20 19.00
C VAL A 129 -1.16 9.94 19.94
N GLN A 130 -2.36 10.45 19.63
CA GLN A 130 -3.54 10.26 20.48
C GLN A 130 -3.80 8.77 20.65
N SER A 131 -3.79 8.01 19.54
N SER A 131 -3.72 8.01 19.55
CA SER A 131 -4.02 6.55 19.58
CA SER A 131 -4.01 6.55 19.50
C SER A 131 -2.97 5.88 20.48
C SER A 131 -2.92 5.74 20.24
N GLU A 132 -1.70 6.28 20.33
CA GLU A 132 -0.56 5.54 20.98
C GLU A 132 -0.31 6.01 22.40
N LEU A 133 -0.34 7.31 22.70
CA LEU A 133 -0.02 7.82 24.06
C LEU A 133 -1.30 8.17 24.81
N GLY A 134 -2.43 8.31 24.14
CA GLY A 134 -3.64 8.84 24.78
C GLY A 134 -3.60 10.37 24.88
N ASP A 135 -4.23 10.93 25.91
CA ASP A 135 -4.41 12.40 26.01
C ASP A 135 -3.08 13.11 26.14
N TYR A 136 -3.04 14.32 25.58
CA TYR A 136 -1.89 15.24 25.65
C TYR A 136 -1.49 15.39 27.11
N ASP A 137 -0.20 15.19 27.39
CA ASP A 137 0.44 15.41 28.71
C ASP A 137 1.56 16.44 28.53
N PRO A 138 1.45 17.63 29.15
CA PRO A 138 2.53 18.62 29.07
C PRO A 138 3.82 18.14 29.74
N ASP A 139 3.69 17.30 30.78
CA ASP A 139 4.82 16.78 31.60
C ASP A 139 5.82 16.09 30.68
N GLU A 140 5.33 15.45 29.61
CA GLU A 140 6.15 14.72 28.61
C GLU A 140 6.83 15.72 27.66
N CYS A 141 6.07 16.74 27.21
CA CYS A 141 6.48 17.65 26.11
C CYS A 141 6.74 19.06 26.65
N GLY A 142 7.94 19.60 26.40
CA GLY A 142 8.30 21.01 26.60
C GLY A 142 8.32 21.73 25.27
N SER A 143 8.74 23.01 25.26
CA SER A 143 8.84 23.86 24.05
C SER A 143 9.88 23.29 23.07
N ASP A 144 10.77 22.41 23.56
CA ASP A 144 11.80 21.74 22.71
C ASP A 144 11.43 20.28 22.37
N TYR A 145 10.15 19.89 22.41
CA TYR A 145 9.75 18.47 22.23
C TYR A 145 9.95 18.01 20.77
N ILE A 146 10.55 16.83 20.63
CA ILE A 146 10.61 16.04 19.36
C ILE A 146 10.17 14.60 19.63
N SER A 147 9.08 14.18 18.99
CA SER A 147 8.42 12.87 19.20
C SER A 147 9.31 11.77 18.66
N GLU A 148 9.23 10.58 19.27
CA GLU A 148 9.93 9.39 18.73
C GLU A 148 9.26 8.99 17.41
N PHE A 149 7.97 9.35 17.24
CA PHE A 149 7.14 8.96 16.08
C PHE A 149 7.74 9.74 14.90
N ARG A 150 8.02 8.94 13.91
CA ARG A 150 8.24 9.32 12.50
C ARG A 150 6.86 9.63 11.92
N PHE A 151 6.70 10.85 11.45
CA PHE A 151 5.48 11.45 10.86
C PHE A 151 5.63 11.79 9.40
N ALA A 152 6.85 11.94 8.87
CA ALA A 152 7.02 12.62 7.57
C ALA A 152 8.36 12.24 6.97
N PRO A 153 8.48 12.39 5.66
CA PRO A 153 9.75 12.13 4.99
C PRO A 153 10.84 13.09 5.51
N ASN A 154 10.46 14.31 5.87
CA ASN A 154 11.42 15.32 6.40
C ASN A 154 10.77 16.03 7.58
N HIS A 155 11.31 15.74 8.75
CA HIS A 155 10.87 16.31 10.03
C HIS A 155 11.44 17.72 10.21
N THR A 156 10.59 18.61 10.68
CA THR A 156 10.97 19.99 11.07
C THR A 156 10.42 20.25 12.46
N LYS A 157 11.02 21.20 13.14
CA LYS A 157 10.53 21.58 14.49
C LYS A 157 9.09 22.11 14.34
N GLU A 158 8.83 22.85 13.26
CA GLU A 158 7.47 23.41 13.00
C GLU A 158 6.46 22.26 12.94
N LEU A 159 6.84 21.16 12.30
CA LEU A 159 5.86 20.05 12.15
C LEU A 159 5.64 19.43 13.53
N GLU A 160 6.69 19.23 14.31
CA GLU A 160 6.55 18.68 15.70
C GLU A 160 5.62 19.55 16.51
N ASP A 161 5.76 20.87 16.39
CA ASP A 161 4.94 21.83 17.16
C ASP A 161 3.47 21.68 16.75
N LYS A 162 3.22 21.53 15.45
CA LYS A 162 1.83 21.47 14.95
C LYS A 162 1.19 20.15 15.37
N VAL A 163 1.94 19.03 15.34
CA VAL A 163 1.44 17.74 15.89
C VAL A 163 0.95 17.97 17.32
N ILE A 164 1.75 18.62 18.16
CA ILE A 164 1.40 18.80 19.60
C ILE A 164 0.16 19.68 19.69
N GLU A 165 0.10 20.77 18.91
CA GLU A 165 -1.04 21.72 18.97
C GLU A 165 -2.31 20.92 18.67
N LEU A 166 -2.27 20.07 17.65
CA LEU A 166 -3.49 19.33 17.24
C LEU A 166 -3.76 18.20 18.24
N HIS A 167 -2.71 17.60 18.80
CA HIS A 167 -2.88 16.53 19.80
C HIS A 167 -3.65 17.08 21.01
N LYS A 168 -3.39 18.32 21.35
CA LYS A 168 -4.08 18.93 22.51
C LYS A 168 -5.59 18.94 22.26
N SER A 169 -6.03 19.06 21.01
CA SER A 169 -7.47 19.21 20.66
C SER A 169 -8.16 17.85 20.78
N HIS A 170 -7.42 16.74 20.90
CA HIS A 170 -8.04 15.40 20.79
C HIS A 170 -8.33 14.76 22.17
N ARG A 171 -8.32 15.53 23.25
CA ARG A 171 -8.52 14.96 24.61
C ARG A 171 -9.79 14.09 24.65
N GLY A 172 -9.68 12.88 25.22
CA GLY A 172 -10.78 11.93 25.45
C GLY A 172 -10.98 10.99 24.27
N MET A 173 -10.20 11.16 23.20
CA MET A 173 -10.35 10.34 21.98
C MET A 173 -9.75 8.96 22.25
N THR A 174 -10.47 7.89 21.93
CA THR A 174 -9.96 6.51 22.14
C THR A 174 -9.13 6.10 20.93
N PRO A 175 -8.31 5.03 21.07
CA PRO A 175 -7.46 4.60 19.96
C PRO A 175 -8.26 4.29 18.69
N ALA A 176 -9.37 3.55 18.79
CA ALA A 176 -10.19 3.23 17.60
C ALA A 176 -10.69 4.50 16.97
N GLU A 177 -11.12 5.45 17.79
CA GLU A 177 -11.67 6.72 17.27
C GLU A 177 -10.57 7.52 16.54
N ALA A 178 -9.36 7.61 17.13
CA ALA A 178 -8.22 8.37 16.56
C ALA A 178 -7.82 7.70 15.23
N GLU A 179 -7.78 6.38 15.22
CA GLU A 179 -7.41 5.60 14.00
C GLU A 179 -8.46 5.83 12.90
N MET A 180 -9.73 5.89 13.25
CA MET A 180 -10.75 6.15 12.23
C MET A 180 -10.57 7.57 11.68
N HIS A 181 -10.31 8.57 12.51
CA HIS A 181 -10.03 9.93 12.02
C HIS A 181 -8.79 9.93 11.12
N PHE A 182 -7.78 9.21 11.53
CA PHE A 182 -6.55 9.13 10.72
C PHE A 182 -6.95 8.70 9.29
N LEU A 183 -7.75 7.64 9.22
CA LEU A 183 -8.11 7.01 7.94
C LEU A 183 -9.08 7.91 7.15
N GLU A 184 -9.97 8.62 7.81
CA GLU A 184 -10.90 9.55 7.11
C GLU A 184 -10.11 10.65 6.37
N ASN A 185 -9.00 11.12 6.95
CA ASN A 185 -8.11 12.11 6.31
C ASN A 185 -7.24 11.42 5.25
N ALA A 186 -6.59 10.31 5.59
CA ALA A 186 -5.62 9.72 4.67
C ALA A 186 -6.29 9.27 3.37
N LYS A 187 -7.53 8.77 3.44
CA LYS A 187 -8.22 8.12 2.28
C LYS A 187 -8.46 9.19 1.22
N LYS A 188 -8.42 10.47 1.59
CA LYS A 188 -8.73 11.56 0.64
C LYS A 188 -7.50 11.99 -0.16
N LEU A 189 -6.30 11.59 0.24
CA LEU A 189 -5.09 12.08 -0.40
C LEU A 189 -5.02 11.53 -1.82
N SER A 190 -4.53 12.33 -2.74
CA SER A 190 -4.61 11.99 -4.19
C SER A 190 -3.81 10.70 -4.46
N MET A 191 -2.78 10.35 -3.67
CA MET A 191 -1.98 9.12 -3.94
C MET A 191 -2.36 8.00 -2.97
N TYR A 192 -3.45 8.12 -2.21
CA TYR A 192 -3.91 7.02 -1.33
C TYR A 192 -4.14 5.73 -2.11
N GLY A 193 -3.42 4.70 -1.73
CA GLY A 193 -3.54 3.33 -2.28
C GLY A 193 -3.15 3.26 -3.75
N VAL A 194 -2.33 4.20 -4.22
CA VAL A 194 -1.86 4.18 -5.63
C VAL A 194 -0.52 3.50 -5.65
N ASP A 195 -0.42 2.40 -6.39
CA ASP A 195 0.85 1.67 -6.63
C ASP A 195 1.44 2.19 -7.94
N LEU A 196 2.61 2.82 -7.90
CA LEU A 196 3.24 3.49 -9.08
C LEU A 196 4.23 2.58 -9.77
N HIS A 197 4.13 2.54 -11.09
CA HIS A 197 5.03 1.75 -11.96
C HIS A 197 5.64 2.71 -12.99
N HIS A 198 6.96 2.77 -13.07
CA HIS A 198 7.69 3.53 -14.14
C HIS A 198 7.41 2.86 -15.50
N ALA A 199 7.14 3.66 -16.51
CA ALA A 199 6.85 3.18 -17.88
C ALA A 199 7.17 4.27 -18.89
N LYS A 200 7.15 3.88 -20.16
CA LYS A 200 7.24 4.81 -21.30
C LYS A 200 5.97 4.63 -22.11
N ASP A 201 5.46 5.73 -22.65
CA ASP A 201 4.30 5.67 -23.58
C ASP A 201 4.86 5.18 -24.92
N SER A 202 3.98 5.06 -25.92
CA SER A 202 4.27 4.54 -27.28
C SER A 202 5.21 5.48 -28.06
N GLU A 203 5.55 6.66 -27.54
CA GLU A 203 6.54 7.58 -28.17
C GLU A 203 7.81 7.65 -27.31
N GLY A 204 8.00 6.75 -26.34
CA GLY A 204 9.21 6.69 -25.49
C GLY A 204 9.27 7.76 -24.40
N VAL A 205 8.18 8.51 -24.18
CA VAL A 205 8.10 9.57 -23.13
C VAL A 205 7.84 8.86 -21.80
N GLU A 206 8.68 9.14 -20.81
CA GLU A 206 8.63 8.54 -19.44
C GLU A 206 7.34 9.00 -18.76
N ILE A 207 6.55 8.03 -18.29
CA ILE A 207 5.31 8.28 -17.51
C ILE A 207 5.37 7.42 -16.26
N MET A 208 4.35 7.56 -15.42
CA MET A 208 4.07 6.62 -14.32
C MET A 208 2.67 6.08 -14.54
N LEU A 209 2.51 4.79 -14.32
CA LEU A 209 1.17 4.16 -14.28
C LEU A 209 0.85 3.89 -12.81
N GLY A 210 -0.30 4.35 -12.34
CA GLY A 210 -0.69 4.11 -10.94
C GLY A 210 -1.82 3.12 -10.95
N VAL A 211 -1.79 2.15 -10.06
CA VAL A 211 -2.87 1.14 -9.97
C VAL A 211 -3.57 1.37 -8.62
N CYS A 212 -4.89 1.45 -8.64
CA CYS A 212 -5.65 1.69 -7.39
C CYS A 212 -7.09 1.20 -7.58
N ALA A 213 -7.93 1.34 -6.56
CA ALA A 213 -9.32 0.85 -6.53
C ALA A 213 -10.12 1.39 -7.72
N SER A 214 -9.92 2.64 -8.06
CA SER A 214 -10.83 3.36 -8.99
C SER A 214 -10.38 3.10 -10.44
N GLY A 215 -9.15 2.67 -10.65
CA GLY A 215 -8.71 2.23 -12.00
C GLY A 215 -7.24 2.36 -12.21
N LEU A 216 -6.85 2.61 -13.45
CA LEU A 216 -5.45 2.83 -13.86
C LEU A 216 -5.29 4.32 -14.15
N LEU A 217 -4.25 4.93 -13.58
CA LEU A 217 -3.94 6.36 -13.75
C LEU A 217 -2.67 6.45 -14.59
N ILE A 218 -2.63 7.36 -15.56
CA ILE A 218 -1.39 7.64 -16.34
C ILE A 218 -0.96 9.05 -15.95
N TYR A 219 0.19 9.17 -15.30
CA TYR A 219 0.82 10.45 -14.95
C TYR A 219 1.87 10.77 -16.03
N ARG A 220 1.52 11.71 -16.91
CA ARG A 220 2.43 12.26 -17.96
C ARG A 220 3.35 13.26 -17.25
N ASP A 221 2.80 13.98 -16.28
CA ASP A 221 3.51 14.73 -15.21
C ASP A 221 2.47 15.15 -14.16
N ARG A 222 2.62 16.34 -13.58
CA ARG A 222 1.63 16.96 -12.65
C ARG A 222 0.50 17.63 -13.46
N LEU A 223 0.74 17.90 -14.75
CA LEU A 223 -0.26 18.46 -15.69
C LEU A 223 -0.54 17.45 -16.81
N ARG A 224 -1.82 17.12 -17.01
CA ARG A 224 -2.36 16.07 -17.93
C ARG A 224 -2.16 14.68 -17.29
N ILE A 225 -3.12 14.30 -16.44
CA ILE A 225 -3.25 12.94 -15.83
C ILE A 225 -4.45 12.25 -16.48
N ASN A 226 -4.21 11.14 -17.19
CA ASN A 226 -5.26 10.30 -17.82
C ASN A 226 -5.70 9.24 -16.80
N ARG A 227 -6.99 8.90 -16.79
CA ARG A 227 -7.61 7.98 -15.81
C ARG A 227 -8.54 7.01 -16.55
N PHE A 228 -8.41 5.71 -16.27
CA PHE A 228 -9.25 4.65 -16.89
C PHE A 228 -9.92 3.94 -15.72
N ALA A 229 -11.19 4.28 -15.46
CA ALA A 229 -12.03 3.59 -14.46
C ALA A 229 -12.02 2.11 -14.80
N TRP A 230 -11.98 1.22 -13.81
CA TRP A 230 -11.88 -0.24 -14.08
C TRP A 230 -12.97 -0.66 -15.08
N PRO A 231 -14.21 -0.15 -15.02
CA PRO A 231 -15.24 -0.52 -16.00
C PRO A 231 -14.96 -0.17 -17.47
N LYS A 232 -14.12 0.84 -17.74
CA LYS A 232 -13.71 1.23 -19.12
C LYS A 232 -12.58 0.33 -19.63
N VAL A 233 -11.99 -0.52 -18.79
CA VAL A 233 -10.87 -1.46 -19.15
C VAL A 233 -11.44 -2.85 -19.41
N LEU A 234 -11.26 -3.45 -20.59
CA LEU A 234 -11.84 -4.79 -20.90
C LEU A 234 -10.83 -5.92 -20.87
N LYS A 235 -9.59 -5.65 -21.28
CA LYS A 235 -8.54 -6.70 -21.30
C LYS A 235 -7.23 -6.02 -20.93
N ILE A 236 -6.44 -6.73 -20.13
CA ILE A 236 -5.07 -6.31 -19.73
C ILE A 236 -4.15 -7.40 -20.23
N SER A 237 -3.04 -7.02 -20.85
CA SER A 237 -2.09 -8.03 -21.40
C SER A 237 -0.67 -7.51 -21.33
N TYR A 238 0.27 -8.43 -21.39
CA TYR A 238 1.70 -8.10 -21.57
C TYR A 238 2.25 -8.98 -22.68
N LYS A 239 3.34 -8.53 -23.26
CA LYS A 239 4.10 -9.34 -24.22
C LYS A 239 5.48 -8.70 -24.30
N ARG A 240 6.53 -9.50 -24.09
CA ARG A 240 7.92 -9.00 -23.99
C ARG A 240 7.96 -7.89 -22.91
N ASN A 241 8.43 -6.69 -23.26
CA ASN A 241 8.57 -5.56 -22.30
C ASN A 241 7.33 -4.66 -22.37
N ASN A 242 6.27 -5.13 -23.01
CA ASN A 242 5.12 -4.23 -23.34
C ASN A 242 3.90 -4.61 -22.52
N PHE A 243 3.16 -3.56 -22.11
CA PHE A 243 1.92 -3.69 -21.34
C PHE A 243 0.84 -2.98 -22.18
N TYR A 244 -0.26 -3.67 -22.39
CA TYR A 244 -1.40 -3.15 -23.21
C TYR A 244 -2.69 -3.18 -22.39
N ILE A 245 -3.48 -2.10 -22.50
CA ILE A 245 -4.89 -2.15 -22.04
C ILE A 245 -5.81 -1.87 -23.21
N LYS A 246 -6.91 -2.62 -23.28
CA LYS A 246 -8.07 -2.36 -24.17
C LYS A 246 -8.94 -1.31 -23.48
N ILE A 247 -9.29 -0.20 -24.14
CA ILE A 247 -10.17 0.87 -23.58
C ILE A 247 -11.47 0.92 -24.38
N ARG A 248 -12.60 0.79 -23.69
CA ARG A 248 -13.94 0.59 -24.32
C ARG A 248 -14.19 1.66 -25.37
N PRO A 249 -14.97 1.30 -26.42
CA PRO A 249 -15.50 2.28 -27.35
C PRO A 249 -16.50 3.15 -26.55
N GLY A 250 -16.44 4.46 -26.72
CA GLY A 250 -17.51 5.37 -26.25
C GLY A 250 -18.78 5.10 -27.02
N GLU A 251 -19.93 4.97 -26.34
CA GLU A 251 -21.25 4.75 -26.96
C GLU A 251 -21.16 5.17 -28.44
N PHE A 252 -21.77 4.38 -29.33
CA PHE A 252 -21.84 4.66 -30.80
C PHE A 252 -20.44 4.64 -31.41
N GLU A 253 -19.49 3.96 -30.75
CA GLU A 253 -18.13 3.70 -31.30
C GLU A 253 -18.08 2.24 -31.78
N GLN A 254 -17.46 1.99 -32.93
CA GLN A 254 -17.44 0.64 -33.53
C GLN A 254 -16.43 -0.24 -32.78
N PHE A 255 -15.30 0.33 -32.30
CA PHE A 255 -14.09 -0.43 -31.86
C PHE A 255 -13.41 0.14 -30.60
N GLU A 256 -13.01 -0.77 -29.68
CA GLU A 256 -12.03 -0.50 -28.58
C GLU A 256 -10.78 0.24 -29.05
N SER A 257 -10.11 1.02 -28.18
CA SER A 257 -8.78 1.62 -28.45
C SER A 257 -7.74 0.81 -27.65
N THR A 258 -6.49 0.84 -28.12
CA THR A 258 -5.34 0.16 -27.46
C THR A 258 -4.34 1.22 -27.10
N ILE A 259 -3.93 1.16 -25.83
CA ILE A 259 -2.85 2.00 -25.28
C ILE A 259 -1.76 1.02 -24.87
N GLY A 260 -0.59 1.27 -25.42
CA GLY A 260 0.60 0.44 -25.22
C GLY A 260 1.61 1.19 -24.41
N PHE A 261 2.27 0.45 -23.52
CA PHE A 261 3.36 1.00 -22.70
C PHE A 261 4.56 0.05 -22.77
N LYS A 262 5.72 0.66 -22.65
CA LYS A 262 7.02 -0.01 -22.57
C LYS A 262 7.43 -0.03 -21.11
N LEU A 263 7.63 -1.22 -20.57
CA LEU A 263 8.15 -1.35 -19.19
C LEU A 263 9.65 -1.59 -19.24
N PRO A 264 10.35 -1.35 -18.11
CA PRO A 264 11.81 -1.52 -18.01
C PRO A 264 12.31 -2.88 -18.51
N ASN A 265 11.56 -3.95 -18.27
CA ASN A 265 11.92 -5.32 -18.66
C ASN A 265 10.66 -6.17 -18.63
N HIS A 266 10.78 -7.42 -19.02
CA HIS A 266 9.65 -8.35 -19.17
C HIS A 266 9.01 -8.66 -17.81
N ARG A 267 9.83 -8.77 -16.78
CA ARG A 267 9.32 -9.07 -15.40
C ARG A 267 8.50 -7.87 -14.91
N ALA A 268 8.96 -6.64 -15.17
CA ALA A 268 8.23 -5.41 -14.79
C ALA A 268 6.88 -5.35 -15.51
N ALA A 269 6.82 -5.73 -16.80
CA ALA A 269 5.54 -5.79 -17.54
C ALA A 269 4.63 -6.82 -16.87
N LYS A 270 5.15 -8.00 -16.54
CA LYS A 270 4.29 -9.08 -16.00
C LYS A 270 3.75 -8.66 -14.62
N ARG A 271 4.61 -8.09 -13.78
CA ARG A 271 4.26 -7.59 -12.41
C ARG A 271 3.12 -6.56 -12.53
N LEU A 272 3.22 -5.65 -13.49
CA LEU A 272 2.17 -4.60 -13.68
C LEU A 272 0.88 -5.27 -14.13
N TRP A 273 0.96 -6.20 -15.10
CA TRP A 273 -0.23 -6.95 -15.53
C TRP A 273 -0.88 -7.63 -14.31
N LYS A 274 -0.11 -8.33 -13.47
CA LYS A 274 -0.73 -9.14 -12.39
C LYS A 274 -1.42 -8.24 -11.35
N VAL A 275 -0.77 -7.15 -10.96
CA VAL A 275 -1.37 -6.20 -9.98
C VAL A 275 -2.63 -5.55 -10.58
N CYS A 276 -2.65 -5.24 -11.88
CA CYS A 276 -3.85 -4.66 -12.51
C CYS A 276 -5.00 -5.67 -12.51
N VAL A 277 -4.74 -6.89 -12.94
CA VAL A 277 -5.77 -7.98 -12.94
C VAL A 277 -6.30 -8.16 -11.53
N GLU A 278 -5.41 -8.21 -10.53
CA GLU A 278 -5.87 -8.42 -9.14
C GLU A 278 -6.72 -7.23 -8.69
N HIS A 279 -6.30 -5.99 -8.95
CA HIS A 279 -7.07 -4.77 -8.58
C HIS A 279 -8.41 -4.77 -9.30
N HIS A 280 -8.42 -5.11 -10.58
CA HIS A 280 -9.67 -5.15 -11.39
C HIS A 280 -10.66 -6.11 -10.74
N THR A 281 -10.20 -7.31 -10.38
CA THR A 281 -11.04 -8.35 -9.73
C THR A 281 -11.51 -7.85 -8.38
N PHE A 282 -10.58 -7.42 -7.55
CA PHE A 282 -10.89 -7.07 -6.16
C PHE A 282 -11.93 -5.96 -6.15
N PHE A 283 -11.72 -4.93 -6.98
CA PHE A 283 -12.52 -3.69 -6.90
C PHE A 283 -13.81 -3.81 -7.73
N ARG A 284 -13.90 -4.83 -8.59
CA ARG A 284 -15.14 -5.24 -9.30
C ARG A 284 -16.14 -5.83 -8.29
N LEU A 285 -15.64 -6.45 -7.22
CA LEU A 285 -16.47 -7.24 -6.25
C LEU A 285 -16.80 -6.37 -5.03
N LEU A 286 -15.91 -5.44 -4.67
CA LEU A 286 -16.10 -4.48 -3.55
C LEU A 286 -17.24 -3.53 -3.93
N1 HGE B . 2.46 11.24 -9.28
C4 HGE B . 7.30 9.71 -6.33
C5 HGE B . 6.68 11.01 -6.82
C6 HGE B . 4.54 10.47 -5.58
C7 HGE B . 5.20 9.26 -4.97
C8 HGE B . 4.50 10.87 -8.06
C10 HGE B . 3.16 10.90 -10.40
O1 HGE B . 6.77 7.10 -4.42
C2 HGE B . 7.28 8.20 -4.30
O HGE B . 8.43 8.42 -3.60
C1 HGE B . 9.11 7.37 -2.94
C HGE B . 10.40 7.95 -2.34
C3 HGE B . 6.72 9.45 -4.92
N HGE B . 5.18 10.91 -6.83
N2 HGE B . 5.19 10.50 -9.22
C11 HGE B . 4.50 10.54 -10.35
C9 HGE B . 3.12 11.24 -8.12
S DMS C . 8.22 -1.67 8.27
O DMS C . 6.88 -1.16 7.75
C1 DMS C . 9.43 -1.06 7.10
C2 DMS C . 8.64 -0.63 9.64
S DMS D . -7.60 8.34 -5.88
O DMS D . -7.50 9.72 -5.30
C1 DMS D . -6.54 7.33 -4.89
C2 DMS D . -6.63 8.35 -7.37
C1 EDO E . -15.08 -4.57 16.47
O1 EDO E . -13.72 -4.27 16.10
C2 EDO E . -15.99 -3.39 16.43
O2 EDO E . -15.86 -2.53 15.29
C1 EDO F . 5.17 -0.79 -0.08
O1 EDO F . 5.67 -1.11 1.21
C2 EDO F . 3.91 -1.52 -0.34
O2 EDO F . 4.04 -2.93 -0.32
C1 EDO G . 7.75 5.47 13.96
O1 EDO G . 8.05 5.87 15.27
C2 EDO G . 6.37 5.87 13.60
O2 EDO G . 6.01 5.88 12.23
C1 EDO H . 17.53 -11.83 -15.65
O1 EDO H . 18.57 -12.59 -15.05
C2 EDO H . 16.30 -11.72 -14.80
O2 EDO H . 15.17 -12.42 -15.30
C1 EDO I . 1.50 3.05 -1.56
O1 EDO I . 2.64 2.30 -1.24
C2 EDO I . 0.48 2.23 -2.22
O2 EDO I . 1.07 1.15 -2.94
#